data_8FO6
#
_entry.id   8FO6
#
_cell.length_a   77.527
_cell.length_b   58.901
_cell.length_c   88.394
_cell.angle_alpha   90.000
_cell.angle_beta   109.670
_cell.angle_gamma   90.000
#
_symmetry.space_group_name_H-M   'P 1 21 1'
#
loop_
_entity.id
_entity.type
_entity.pdbx_description
1 polymer 'Eukaryotic elongation factor 2 kinase'
2 polymer Calmodulin-1
3 non-polymer 'ZINC ION'
4 non-polymer 'CALCIUM ION'
5 water water
#
loop_
_entity_poly.entity_id
_entity_poly.type
_entity_poly.pdbx_seq_one_letter_code
_entity_poly.pdbx_strand_id
1 'polypeptide(L)'
;SSSGSPANSFHFKEAWKHAIQKAKHMPDPWAEFHLEDIATERATRHRYNAVTGEWLDDEVLIKMASQPFGRGAMRECFRT
KKLSNFLHAQQWKGASNYVAKRYIEPVDRDVYFEDVRLQMEAKLWGEEYNRHKPPKQVDIMQMCIIELKDRPGKPLFHLE
HYIEGKYIKYNSNSGFVRDDNIRLTPQAFSHFTFERSGHQLIVVDIQGVGDLYTDPQIHTETGTDFGDGNLGVRGMALFF
YSHACNRICESMGLAPFDLSPRERDAVNQNTKLLQSAK(TPO)ILRGTEEKCGGGGGGGNSSRLHLPRASAVALEVQRLN
ALDLEKKIGKSILGKVHLAMVRYHEGGRFCEKGEEWDQESAVFHLEHAANLGELEAIVGLGLMYSQLPHHILADVSLKET
EENKTKGFDYLLKAAEAGDRQSMILVARAFDSGQNLSPDRCQDWLEALHWYNTALEMTDCDEGGEYDGMQDEPRYMMLAR
EAEMLFTGGYGLEKDPQRSGDLYTQAAEAAMEAMKGRLANQYYQKAEEAWAQMEE
;
A
2 'polypeptide(L)'
;ADQLTEEQIAEFKEAFSLFDKDGDGTITTKELGTVMRSLGQNPTEAELQDMINEVDADGNGTIDFPEFLTMMARKMKDTD
SEEEIREAFRVFDKDGNGYISAAELRHVMTNLGEKLTDEEVDEMIREADIDGDGQVNYEEFVQMMTAK
;
B
#
loop_
_chem_comp.id
_chem_comp.type
_chem_comp.name
_chem_comp.formula
CA non-polymer 'CALCIUM ION' 'Ca 2'
ZN non-polymer 'ZINC ION' 'Zn 2'
#
# COMPACT_ATOMS: atom_id res chain seq x y z
N ASN A 8 2.30 35.34 -20.99
CA ASN A 8 0.86 35.44 -21.17
C ASN A 8 0.14 35.32 -19.82
N SER A 9 -0.72 34.32 -19.71
CA SER A 9 -1.41 34.05 -18.45
C SER A 9 -0.50 33.39 -17.40
N PHE A 10 0.81 33.33 -17.66
CA PHE A 10 1.76 32.66 -16.76
C PHE A 10 2.72 33.70 -16.21
N HIS A 11 2.59 34.00 -14.92
CA HIS A 11 3.49 34.91 -14.22
C HIS A 11 4.69 34.18 -13.61
N PHE A 12 4.95 32.95 -14.03
CA PHE A 12 6.06 32.16 -13.51
C PHE A 12 7.00 31.66 -14.60
N LYS A 13 6.77 32.02 -15.87
CA LYS A 13 7.65 31.56 -16.94
C LYS A 13 9.09 31.96 -16.68
N GLU A 14 9.29 33.14 -16.11
CA GLU A 14 10.63 33.54 -15.68
C GLU A 14 11.25 32.50 -14.75
N ALA A 15 10.44 31.95 -13.83
CA ALA A 15 10.94 30.95 -12.90
C ALA A 15 11.30 29.64 -13.61
N TRP A 16 10.41 29.17 -14.50
CA TRP A 16 10.70 27.99 -15.30
C TRP A 16 12.02 28.13 -16.03
N LYS A 17 12.19 29.25 -16.75
CA LYS A 17 13.39 29.42 -17.58
C LYS A 17 14.64 29.60 -16.73
N HIS A 18 14.53 30.31 -15.61
CA HIS A 18 15.66 30.46 -14.69
C HIS A 18 16.14 29.11 -14.22
N ALA A 19 15.20 28.23 -13.82
CA ALA A 19 15.55 26.88 -13.44
C ALA A 19 16.18 26.10 -14.58
N ILE A 20 15.65 26.27 -15.80
CA ILE A 20 16.18 25.55 -16.96
C ILE A 20 17.66 25.88 -17.17
N GLN A 21 17.99 27.18 -17.18
CA GLN A 21 19.39 27.55 -17.44
C GLN A 21 20.28 27.17 -16.26
N LYS A 22 19.82 27.42 -15.03
CA LYS A 22 20.57 26.95 -13.86
C LYS A 22 20.90 25.47 -13.98
N ALA A 23 19.93 24.66 -14.41
CA ALA A 23 20.16 23.23 -14.59
C ALA A 23 21.18 22.96 -15.69
N LYS A 24 21.11 23.72 -16.79
CA LYS A 24 22.15 23.59 -17.83
C LYS A 24 23.54 23.87 -17.27
N HIS A 25 23.65 24.66 -16.19
CA HIS A 25 24.96 24.92 -15.60
C HIS A 25 25.39 23.90 -14.57
N MET A 26 24.44 23.13 -14.01
CA MET A 26 24.79 22.13 -13.01
C MET A 26 25.58 20.98 -13.65
N PRO A 27 26.46 20.33 -12.89
CA PRO A 27 27.27 19.24 -13.45
C PRO A 27 26.60 17.88 -13.24
N ASP A 28 27.06 16.91 -14.03
CA ASP A 28 26.57 15.55 -13.88
C ASP A 28 27.10 14.97 -12.57
N PRO A 29 26.25 14.68 -11.58
CA PRO A 29 26.77 14.18 -10.29
C PRO A 29 27.52 12.87 -10.41
N TRP A 30 27.33 12.12 -11.51
CA TRP A 30 27.99 10.84 -11.71
C TRP A 30 29.11 10.93 -12.73
N ALA A 31 29.57 12.14 -13.05
CA ALA A 31 30.60 12.33 -14.07
C ALA A 31 31.84 11.48 -13.77
N GLU A 32 32.36 11.59 -12.55
CA GLU A 32 33.61 10.91 -12.19
C GLU A 32 33.47 9.40 -12.13
N PHE A 33 32.29 8.84 -12.36
CA PHE A 33 32.17 7.39 -12.49
C PHE A 33 32.32 6.93 -13.93
N HIS A 34 32.25 7.86 -14.89
CA HIS A 34 32.57 7.60 -16.29
C HIS A 34 31.77 6.42 -16.83
N LEU A 35 30.46 6.44 -16.54
CA LEU A 35 29.57 5.39 -17.05
C LEU A 35 29.53 5.40 -18.58
N GLU A 36 29.77 6.56 -19.19
CA GLU A 36 29.79 6.64 -20.65
C GLU A 36 30.82 5.71 -21.27
N ASP A 37 31.95 5.50 -20.59
CA ASP A 37 33.00 4.63 -21.12
C ASP A 37 32.63 3.16 -21.09
N ILE A 38 31.52 2.81 -20.43
CA ILE A 38 31.13 1.41 -20.30
C ILE A 38 30.55 0.91 -21.61
N ALA A 39 30.86 -0.34 -21.96
CA ALA A 39 30.32 -0.96 -23.16
C ALA A 39 28.78 -0.98 -23.07
N THR A 40 28.14 -0.49 -24.13
CA THR A 40 26.69 -0.38 -24.13
C THR A 40 26.05 -1.76 -24.21
N GLU A 41 24.94 -1.92 -23.50
CA GLU A 41 24.18 -3.16 -23.48
C GLU A 41 22.75 -2.91 -23.88
N ARG A 42 22.15 -3.91 -24.50
CA ARG A 42 20.74 -3.88 -24.87
C ARG A 42 19.89 -4.38 -23.72
N ALA A 43 18.70 -3.80 -23.58
CA ALA A 43 17.78 -4.26 -22.55
C ALA A 43 16.35 -4.01 -23.02
N THR A 44 15.45 -4.85 -22.54
CA THR A 44 14.02 -4.64 -22.74
C THR A 44 13.45 -3.98 -21.48
N ARG A 45 12.96 -2.77 -21.63
CA ARG A 45 12.33 -2.05 -20.52
C ARG A 45 10.85 -2.41 -20.48
N HIS A 46 10.43 -2.98 -19.35
CA HIS A 46 9.03 -3.26 -19.06
C HIS A 46 8.52 -2.18 -18.10
N ARG A 47 7.47 -1.47 -18.50
CA ARG A 47 6.84 -0.44 -17.70
C ARG A 47 5.38 -0.80 -17.47
N TYR A 48 4.87 -0.42 -16.30
CA TYR A 48 3.53 -0.79 -15.87
C TYR A 48 2.67 0.45 -15.70
N ASN A 49 1.49 0.44 -16.31
CA ASN A 49 0.45 1.42 -16.04
C ASN A 49 -0.51 0.78 -15.04
N ALA A 50 -0.66 1.43 -13.89
CA ALA A 50 -1.42 0.92 -12.76
C ALA A 50 -2.92 1.18 -12.87
N VAL A 51 -3.32 2.21 -13.61
CA VAL A 51 -4.75 2.45 -13.82
C VAL A 51 -5.32 1.42 -14.80
N THR A 52 -4.58 1.14 -15.87
CA THR A 52 -5.00 0.18 -16.88
C THR A 52 -4.55 -1.24 -16.56
N GLY A 53 -3.66 -1.40 -15.58
CA GLY A 53 -3.05 -2.69 -15.32
C GLY A 53 -2.31 -3.25 -16.51
N GLU A 54 -1.76 -2.39 -17.36
CA GLU A 54 -1.21 -2.83 -18.64
C GLU A 54 0.30 -2.63 -18.67
N TRP A 55 1.01 -3.60 -19.23
CA TRP A 55 2.45 -3.51 -19.39
C TRP A 55 2.81 -3.07 -20.80
N LEU A 56 3.83 -2.23 -20.90
CA LEU A 56 4.41 -1.79 -22.16
C LEU A 56 5.89 -2.11 -22.13
N ASP A 57 6.36 -2.90 -23.08
CA ASP A 57 7.77 -3.26 -23.17
C ASP A 57 8.36 -2.67 -24.44
N ASP A 58 9.49 -1.98 -24.28
CA ASP A 58 10.22 -1.39 -25.41
C ASP A 58 11.69 -1.73 -25.27
N GLU A 59 12.50 -1.28 -26.22
CA GLU A 59 13.92 -1.59 -26.26
C GLU A 59 14.74 -0.36 -25.91
N VAL A 60 15.70 -0.53 -25.00
CA VAL A 60 16.53 0.57 -24.53
C VAL A 60 18.00 0.14 -24.56
N LEU A 61 18.87 1.15 -24.62
CA LEU A 61 20.31 0.97 -24.53
C LEU A 61 20.78 1.54 -23.19
N ILE A 62 21.50 0.74 -22.42
CA ILE A 62 21.95 1.15 -21.10
C ILE A 62 23.44 0.89 -20.96
N LYS A 63 24.10 1.75 -20.19
CA LYS A 63 25.47 1.53 -19.75
C LYS A 63 25.42 1.36 -18.24
N MET A 64 25.77 0.16 -17.77
CA MET A 64 25.67 -0.16 -16.34
C MET A 64 27.05 -0.42 -15.76
N ALA A 65 27.27 0.11 -14.56
CA ALA A 65 28.52 -0.12 -13.86
C ALA A 65 28.73 -1.61 -13.61
N SER A 66 29.98 -2.05 -13.72
CA SER A 66 30.29 -3.48 -13.57
C SER A 66 30.17 -3.93 -12.13
N GLN A 67 30.34 -3.02 -11.17
CA GLN A 67 30.23 -3.37 -9.77
C GLN A 67 29.21 -2.47 -9.09
N PRO A 68 28.48 -2.98 -8.12
CA PRO A 68 27.46 -2.18 -7.46
C PRO A 68 28.07 -1.16 -6.51
N PHE A 69 27.36 -0.05 -6.33
CA PHE A 69 27.79 1.00 -5.42
C PHE A 69 27.12 0.92 -4.05
N GLY A 70 26.08 0.13 -3.91
CA GLY A 70 25.42 -0.05 -2.63
C GLY A 70 24.85 -1.45 -2.53
N ARG A 71 24.54 -1.84 -1.30
CA ARG A 71 24.02 -3.18 -1.05
C ARG A 71 23.23 -3.15 0.25
N GLY A 72 21.92 -3.38 0.16
CA GLY A 72 21.07 -3.54 1.31
C GLY A 72 21.10 -4.99 1.78
N ALA A 73 20.07 -5.35 2.56
CA ALA A 73 19.94 -6.74 2.98
C ALA A 73 19.46 -7.63 1.85
N MET A 74 18.70 -7.07 0.91
CA MET A 74 18.05 -7.85 -0.14
C MET A 74 18.54 -7.52 -1.54
N ARG A 75 19.00 -6.29 -1.78
CA ARG A 75 19.26 -5.82 -3.13
C ARG A 75 20.59 -5.10 -3.20
N GLU A 76 21.21 -5.14 -4.38
CA GLU A 76 22.38 -4.34 -4.71
C GLU A 76 22.04 -3.39 -5.84
N CYS A 77 22.78 -2.28 -5.88
CA CYS A 77 22.44 -1.14 -6.72
C CYS A 77 23.60 -0.78 -7.63
N PHE A 78 23.30 -0.59 -8.91
CA PHE A 78 24.28 -0.29 -9.94
C PHE A 78 23.96 1.07 -10.54
N ARG A 79 24.97 1.92 -10.69
CA ARG A 79 24.81 3.15 -11.42
C ARG A 79 24.63 2.84 -12.90
N THR A 80 23.63 3.45 -13.51
CA THR A 80 23.26 3.14 -14.88
C THR A 80 23.00 4.46 -15.60
N LYS A 81 23.39 4.53 -16.85
CA LYS A 81 22.94 5.60 -17.73
C LYS A 81 22.06 5.00 -18.80
N LYS A 82 20.97 5.69 -19.13
CA LYS A 82 20.10 5.18 -20.20
C LYS A 82 19.82 6.28 -21.21
N LEU A 83 19.90 5.94 -22.49
CA LEU A 83 19.64 6.90 -23.55
C LEU A 83 18.15 7.05 -23.79
N SER A 84 17.72 8.27 -24.10
CA SER A 84 16.32 8.57 -24.30
C SER A 84 15.93 8.26 -25.73
N ASN A 85 15.00 7.32 -25.90
CA ASN A 85 14.48 7.02 -27.22
C ASN A 85 13.73 8.20 -27.82
N PHE A 86 13.40 9.22 -27.00
CA PHE A 86 12.79 10.46 -27.49
C PHE A 86 13.84 11.40 -28.08
N GLN A 90 21.08 10.63 -27.11
CA GLN A 90 22.10 11.03 -28.07
C GLN A 90 23.48 11.08 -27.44
N GLN A 91 23.82 12.22 -26.85
CA GLN A 91 25.11 12.39 -26.18
C GLN A 91 25.07 11.62 -24.86
N TRP A 92 25.74 10.46 -24.84
CA TRP A 92 25.76 9.62 -23.64
C TRP A 92 26.20 10.40 -22.41
N LYS A 93 27.07 11.40 -22.58
CA LYS A 93 27.50 12.22 -21.45
C LYS A 93 26.30 12.89 -20.78
N GLY A 94 25.31 13.30 -21.56
CA GLY A 94 24.10 13.88 -21.05
C GLY A 94 22.97 12.91 -20.79
N ALA A 95 23.21 11.61 -20.95
CA ALA A 95 22.17 10.62 -20.70
C ALA A 95 21.76 10.64 -19.24
N SER A 96 20.49 10.28 -19.00
CA SER A 96 19.96 10.35 -17.65
C SER A 96 20.50 9.23 -16.77
N ASN A 97 20.70 9.57 -15.50
CA ASN A 97 21.23 8.68 -14.48
C ASN A 97 20.10 7.90 -13.84
N TYR A 98 20.34 6.61 -13.65
CA TYR A 98 19.39 5.68 -13.06
C TYR A 98 20.12 4.81 -12.05
N VAL A 99 19.38 4.38 -11.05
CA VAL A 99 19.79 3.31 -10.16
C VAL A 99 19.09 2.04 -10.64
N ALA A 100 19.89 0.98 -10.82
CA ALA A 100 19.39 -0.33 -11.22
C ALA A 100 19.59 -1.28 -10.05
N LYS A 101 18.50 -1.84 -9.55
CA LYS A 101 18.54 -2.68 -8.37
C LYS A 101 18.27 -4.13 -8.74
N ARG A 102 19.02 -5.04 -8.12
CA ARG A 102 18.86 -6.46 -8.33
C ARG A 102 18.81 -7.15 -6.98
N TYR A 103 17.99 -8.19 -6.87
CA TYR A 103 18.01 -9.00 -5.68
C TYR A 103 19.33 -9.76 -5.61
N ILE A 104 19.99 -9.69 -4.46
CA ILE A 104 21.25 -10.40 -4.27
C ILE A 104 21.04 -11.90 -4.45
N GLU A 105 20.12 -12.47 -3.69
CA GLU A 105 19.78 -13.87 -3.84
C GLU A 105 18.77 -14.04 -4.97
N PRO A 106 18.85 -15.13 -5.73
CA PRO A 106 17.94 -15.30 -6.87
C PRO A 106 16.50 -15.45 -6.42
N VAL A 107 15.60 -14.73 -7.10
CA VAL A 107 14.18 -14.75 -6.80
C VAL A 107 13.41 -15.15 -8.05
N ASP A 108 12.15 -15.49 -7.85
CA ASP A 108 11.26 -15.73 -8.98
C ASP A 108 11.11 -14.44 -9.79
N ARG A 109 11.10 -14.58 -11.12
CA ARG A 109 11.06 -13.41 -11.98
C ARG A 109 9.84 -12.54 -11.72
N ASP A 110 8.73 -13.13 -11.27
CA ASP A 110 7.52 -12.35 -11.07
C ASP A 110 7.64 -11.37 -9.91
N VAL A 111 8.61 -11.55 -9.02
CA VAL A 111 8.79 -10.62 -7.91
C VAL A 111 9.12 -9.23 -8.41
N TYR A 112 9.93 -9.12 -9.46
CA TYR A 112 10.29 -7.81 -9.99
C TYR A 112 9.07 -7.07 -10.52
N PHE A 113 8.24 -7.76 -11.29
CA PHE A 113 7.03 -7.14 -11.83
C PHE A 113 6.05 -6.80 -10.71
N GLU A 114 5.98 -7.64 -9.67
CA GLU A 114 5.12 -7.33 -8.54
C GLU A 114 5.62 -6.10 -7.78
N ASP A 115 6.95 -5.95 -7.68
CA ASP A 115 7.52 -4.75 -7.05
C ASP A 115 7.15 -3.50 -7.85
N VAL A 116 7.22 -3.59 -9.17
CA VAL A 116 6.80 -2.46 -10.00
C VAL A 116 5.33 -2.15 -9.76
N ARG A 117 4.48 -3.18 -9.71
CA ARG A 117 3.07 -2.95 -9.43
C ARG A 117 2.87 -2.25 -8.10
N LEU A 118 3.59 -2.70 -7.07
CA LEU A 118 3.54 -2.08 -5.75
C LEU A 118 3.86 -0.58 -5.84
N GLN A 119 4.97 -0.25 -6.48
CA GLN A 119 5.39 1.14 -6.55
C GLN A 119 4.39 1.99 -7.32
N MET A 120 3.86 1.46 -8.43
CA MET A 120 2.96 2.26 -9.26
C MET A 120 1.60 2.45 -8.57
N GLU A 121 1.13 1.44 -7.85
CA GLU A 121 -0.05 1.61 -7.01
C GLU A 121 0.17 2.71 -5.98
N ALA A 122 1.32 2.66 -5.30
CA ALA A 122 1.62 3.69 -4.30
C ALA A 122 1.70 5.07 -4.94
N LYS A 123 2.18 5.15 -6.18
CA LYS A 123 2.18 6.41 -6.92
C LYS A 123 0.75 6.92 -7.13
N LEU A 124 -0.16 6.01 -7.51
CA LEU A 124 -1.57 6.38 -7.59
C LEU A 124 -2.08 6.92 -6.25
N TRP A 125 -1.66 6.29 -5.15
CA TRP A 125 -2.13 6.77 -3.85
C TRP A 125 -1.53 8.13 -3.50
N GLY A 126 -0.30 8.39 -3.93
CA GLY A 126 0.27 9.72 -3.75
C GLY A 126 -0.51 10.77 -4.51
N GLU A 127 -0.94 10.46 -5.73
CA GLU A 127 -1.74 11.41 -6.49
C GLU A 127 -3.11 11.61 -5.85
N GLU A 128 -3.70 10.55 -5.31
CA GLU A 128 -4.97 10.69 -4.58
C GLU A 128 -4.81 11.60 -3.37
N TYR A 129 -3.74 11.40 -2.60
CA TYR A 129 -3.47 12.27 -1.46
C TYR A 129 -3.28 13.71 -1.90
N ASN A 130 -2.54 13.93 -2.99
CA ASN A 130 -2.36 15.28 -3.50
C ASN A 130 -3.68 15.93 -3.89
N ARG A 131 -4.62 15.13 -4.41
CA ARG A 131 -5.89 15.71 -4.82
C ARG A 131 -6.64 16.34 -3.65
N HIS A 132 -6.33 15.94 -2.42
CA HIS A 132 -6.97 16.53 -1.25
C HIS A 132 -6.20 17.77 -0.79
N LYS A 133 -5.53 18.44 -1.72
CA LYS A 133 -4.87 19.71 -1.50
C LYS A 133 -4.04 19.75 -0.21
N PRO A 134 -3.06 18.88 -0.06
CA PRO A 134 -2.29 18.82 1.18
C PRO A 134 -1.31 19.98 1.25
N PRO A 135 -0.82 20.32 2.45
CA PRO A 135 0.18 21.40 2.56
C PRO A 135 1.41 21.16 1.68
N LYS A 136 1.95 19.95 1.69
CA LYS A 136 3.04 19.57 0.80
C LYS A 136 2.60 18.35 0.00
N GLN A 137 2.76 18.42 -1.32
CA GLN A 137 2.39 17.27 -2.12
C GLN A 137 3.51 16.23 -2.12
N VAL A 138 3.13 15.00 -2.47
CA VAL A 138 4.05 13.87 -2.49
C VAL A 138 4.05 13.28 -3.89
N ASP A 139 5.07 12.47 -4.16
CA ASP A 139 5.13 11.73 -5.41
C ASP A 139 6.03 10.52 -5.23
N ILE A 140 5.49 9.35 -5.56
CA ILE A 140 6.27 8.11 -5.57
C ILE A 140 6.91 8.00 -6.94
N MET A 141 8.24 7.91 -6.98
CA MET A 141 8.93 7.84 -8.25
C MET A 141 8.51 6.60 -9.03
N GLN A 142 8.30 6.79 -10.33
CA GLN A 142 8.09 5.65 -11.22
C GLN A 142 9.28 4.71 -11.11
N MET A 143 9.01 3.41 -11.19
CA MET A 143 10.04 2.40 -11.26
C MET A 143 9.62 1.39 -12.31
N CYS A 144 10.58 0.96 -13.14
CA CYS A 144 10.25 -0.05 -14.13
C CYS A 144 11.27 -1.18 -14.06
N ILE A 145 11.25 -2.08 -15.03
CA ILE A 145 12.21 -3.18 -15.08
C ILE A 145 12.99 -3.09 -16.37
N ILE A 146 14.27 -3.42 -16.31
CA ILE A 146 15.06 -3.67 -17.52
C ILE A 146 15.52 -5.12 -17.49
N GLU A 147 15.41 -5.78 -18.64
CA GLU A 147 15.82 -7.16 -18.82
C GLU A 147 17.02 -7.20 -19.74
N LEU A 148 18.11 -7.83 -19.29
CA LEU A 148 19.36 -7.89 -20.05
C LEU A 148 19.44 -9.26 -20.72
N LYS A 149 18.73 -9.40 -21.84
CA LYS A 149 18.60 -10.71 -22.48
C LYS A 149 19.91 -11.17 -23.09
N ASP A 150 20.81 -10.26 -23.43
CA ASP A 150 22.10 -10.65 -23.99
C ASP A 150 23.07 -11.11 -22.91
N ARG A 151 22.62 -11.21 -21.66
CA ARG A 151 23.41 -11.70 -20.55
C ARG A 151 22.99 -13.11 -20.17
N PRO A 152 23.91 -13.89 -19.56
CA PRO A 152 23.53 -15.22 -19.04
C PRO A 152 22.31 -15.16 -18.13
N GLY A 153 21.25 -15.85 -18.52
CA GLY A 153 20.07 -15.93 -17.67
C GLY A 153 19.12 -14.75 -17.76
N LYS A 154 19.26 -13.92 -18.79
CA LYS A 154 18.41 -12.76 -19.06
C LYS A 154 18.00 -12.04 -17.76
N PRO A 155 18.97 -11.50 -17.01
CA PRO A 155 18.67 -11.03 -15.66
C PRO A 155 17.83 -9.76 -15.67
N LEU A 156 17.01 -9.64 -14.63
CA LEU A 156 16.11 -8.51 -14.46
C LEU A 156 16.66 -7.52 -13.45
N PHE A 157 16.33 -6.25 -13.65
CA PHE A 157 16.70 -5.18 -12.75
C PHE A 157 15.51 -4.24 -12.59
N HIS A 158 15.34 -3.69 -11.40
CA HIS A 158 14.52 -2.52 -11.22
C HIS A 158 15.30 -1.30 -11.68
N LEU A 159 14.61 -0.32 -12.26
CA LEU A 159 15.24 0.90 -12.70
C LEU A 159 14.44 2.08 -12.23
N GLU A 160 15.12 3.03 -11.57
CA GLU A 160 14.51 4.31 -11.19
C GLU A 160 15.50 5.42 -11.49
N HIS A 161 14.99 6.62 -11.73
CA HIS A 161 15.86 7.78 -11.94
C HIS A 161 16.64 8.10 -10.68
N TYR A 162 17.88 8.54 -10.84
CA TYR A 162 18.68 8.97 -9.70
C TYR A 162 18.20 10.33 -9.22
N ILE A 163 18.06 10.47 -7.90
CA ILE A 163 17.59 11.69 -7.26
C ILE A 163 18.69 12.20 -6.36
N GLU A 164 19.11 13.45 -6.57
CA GLU A 164 20.09 14.08 -5.70
C GLU A 164 19.39 14.66 -4.48
N GLY A 165 19.94 14.41 -3.31
CA GLY A 165 19.39 14.96 -2.08
C GLY A 165 19.57 14.02 -0.92
N LYS A 166 19.26 14.52 0.26
CA LYS A 166 19.36 13.73 1.49
C LYS A 166 18.27 12.67 1.52
N TYR A 167 18.67 11.40 1.51
CA TYR A 167 17.72 10.30 1.60
C TYR A 167 17.33 10.08 3.05
N ILE A 168 16.03 9.92 3.28
CA ILE A 168 15.48 9.76 4.62
C ILE A 168 14.40 8.70 4.56
N LYS A 169 14.45 7.75 5.49
CA LYS A 169 13.32 6.87 5.77
C LYS A 169 12.44 7.56 6.81
N TYR A 170 11.21 7.92 6.43
CA TYR A 170 10.30 8.56 7.37
C TYR A 170 9.52 7.54 8.20
N ASN A 171 9.25 6.36 7.63
CA ASN A 171 8.71 5.25 8.40
C ASN A 171 9.13 3.96 7.72
N SER A 172 9.03 2.86 8.45
CA SER A 172 9.27 1.55 7.89
C SER A 172 7.94 0.86 7.61
N ASN A 173 8.01 -0.38 7.14
CA ASN A 173 6.83 -1.23 7.03
C ASN A 173 6.57 -2.00 8.31
N SER A 174 7.09 -1.52 9.45
CA SER A 174 7.02 -2.30 10.68
C SER A 174 6.98 -1.45 11.95
N GLY A 175 6.53 -0.19 11.88
CA GLY A 175 6.32 0.61 13.07
C GLY A 175 7.32 1.70 13.31
N PHE A 176 8.47 1.69 12.63
CA PHE A 176 9.44 2.75 12.82
C PHE A 176 8.90 4.08 12.31
N VAL A 177 9.13 5.13 13.09
CA VAL A 177 8.82 6.51 12.70
C VAL A 177 10.03 7.36 13.05
N ARG A 178 10.41 8.25 12.13
CA ARG A 178 11.55 9.12 12.36
C ARG A 178 11.13 10.31 13.21
N ASP A 179 11.70 10.42 14.40
CA ASP A 179 11.34 11.48 15.34
C ASP A 179 12.28 12.68 15.28
N ASP A 180 13.55 12.48 14.91
CA ASP A 180 14.47 13.60 14.76
C ASP A 180 14.02 14.49 13.62
N ASN A 181 13.54 15.69 13.95
CA ASN A 181 12.94 16.61 12.98
C ASN A 181 11.78 15.91 12.26
N ILE A 182 10.75 15.60 13.06
CA ILE A 182 9.62 14.82 12.57
C ILE A 182 8.86 15.61 11.51
N ARG A 183 8.65 14.97 10.36
CA ARG A 183 7.85 15.54 9.28
C ARG A 183 6.44 14.99 9.34
N LEU A 184 5.46 15.85 9.07
CA LEU A 184 4.06 15.43 9.16
C LEU A 184 3.61 14.71 7.89
N THR A 185 4.02 15.22 6.73
CA THR A 185 3.46 14.75 5.46
C THR A 185 3.59 13.25 5.24
N PRO A 186 4.73 12.60 5.49
CA PRO A 186 4.78 11.13 5.27
C PRO A 186 3.79 10.35 6.11
N GLN A 187 3.71 10.66 7.41
CA GLN A 187 2.79 9.96 8.30
C GLN A 187 1.34 10.24 7.91
N ALA A 188 1.04 11.51 7.60
CA ALA A 188 -0.30 11.85 7.14
C ALA A 188 -0.65 11.09 5.87
N PHE A 189 0.32 10.92 4.96
CA PHE A 189 0.07 10.19 3.72
C PHE A 189 -0.27 8.73 3.98
N SER A 190 0.53 8.08 4.83
CA SER A 190 0.25 6.69 5.20
C SER A 190 -1.16 6.55 5.78
N HIS A 191 -1.47 7.37 6.79
CA HIS A 191 -2.77 7.31 7.43
C HIS A 191 -3.89 7.59 6.43
N PHE A 192 -3.68 8.56 5.54
CA PHE A 192 -4.65 8.88 4.50
C PHE A 192 -4.93 7.65 3.65
N THR A 193 -3.89 6.95 3.21
CA THR A 193 -4.12 5.76 2.40
C THR A 193 -4.92 4.72 3.17
N PHE A 194 -4.67 4.62 4.49
CA PHE A 194 -5.46 3.67 5.28
C PHE A 194 -6.94 4.03 5.25
N GLU A 195 -7.27 5.30 5.50
CA GLU A 195 -8.68 5.68 5.57
C GLU A 195 -9.34 5.69 4.18
N ARG A 196 -8.65 6.28 3.20
CA ARG A 196 -9.22 6.48 1.86
C ARG A 196 -9.43 5.16 1.14
N SER A 197 -8.62 4.15 1.43
CA SER A 197 -8.83 2.83 0.86
C SER A 197 -9.90 2.04 1.60
N GLY A 198 -10.55 2.64 2.59
CA GLY A 198 -11.51 1.91 3.40
C GLY A 198 -10.87 0.83 4.24
N HIS A 199 -9.68 1.10 4.79
CA HIS A 199 -8.89 0.16 5.58
C HIS A 199 -8.40 -1.03 4.77
N GLN A 200 -8.57 -1.01 3.46
CA GLN A 200 -8.15 -2.15 2.65
C GLN A 200 -6.65 -2.18 2.43
N LEU A 201 -5.97 -1.05 2.55
CA LEU A 201 -4.52 -1.02 2.43
C LEU A 201 -3.98 0.21 3.15
N ILE A 202 -2.68 0.18 3.39
CA ILE A 202 -1.93 1.34 3.87
C ILE A 202 -0.57 1.35 3.18
N VAL A 203 -0.15 2.54 2.75
CA VAL A 203 1.16 2.74 2.14
C VAL A 203 2.11 3.23 3.22
N VAL A 204 3.11 2.41 3.52
CA VAL A 204 4.13 2.68 4.52
C VAL A 204 5.49 2.51 3.89
N ASP A 205 6.54 2.35 4.71
CA ASP A 205 7.92 2.41 4.24
C ASP A 205 8.14 3.70 3.44
N ILE A 206 7.54 4.79 3.93
CA ILE A 206 7.66 6.07 3.26
C ILE A 206 9.08 6.59 3.42
N GLN A 207 9.77 6.79 2.29
CA GLN A 207 11.18 7.12 2.30
C GLN A 207 11.52 7.74 0.96
N GLY A 208 12.57 8.54 0.96
CA GLY A 208 13.03 9.14 -0.30
C GLY A 208 13.79 10.43 -0.03
N VAL A 209 13.80 11.29 -1.04
CA VAL A 209 14.41 12.61 -0.95
C VAL A 209 13.27 13.62 -0.88
N GLY A 210 13.22 14.37 0.22
CA GLY A 210 12.09 15.26 0.44
C GLY A 210 10.81 14.46 0.38
N ASP A 211 9.91 14.83 -0.53
CA ASP A 211 8.66 14.12 -0.72
C ASP A 211 8.60 13.37 -2.04
N LEU A 212 9.74 13.12 -2.67
CA LEU A 212 9.85 12.15 -3.75
C LEU A 212 10.13 10.80 -3.10
N TYR A 213 9.13 9.95 -3.05
CA TYR A 213 9.28 8.69 -2.34
C TYR A 213 9.74 7.59 -3.28
N THR A 214 10.32 6.55 -2.69
CA THR A 214 10.69 5.35 -3.44
C THR A 214 10.64 4.16 -2.49
N ASP A 215 10.70 2.98 -3.09
CA ASP A 215 10.65 1.70 -2.38
C ASP A 215 9.56 1.68 -1.31
N PRO A 216 8.34 2.12 -1.60
CA PRO A 216 7.30 2.06 -0.57
C PRO A 216 6.81 0.64 -0.42
N GLN A 217 6.13 0.39 0.70
CA GLN A 217 5.51 -0.90 0.93
C GLN A 217 4.03 -0.70 1.17
N ILE A 218 3.22 -1.68 0.82
CA ILE A 218 1.78 -1.61 1.01
C ILE A 218 1.34 -2.82 1.82
N HIS A 219 0.61 -2.56 2.90
CA HIS A 219 -0.07 -3.61 3.64
C HIS A 219 -1.52 -3.69 3.15
N THR A 220 -1.95 -4.89 2.79
CA THR A 220 -3.31 -5.14 2.34
C THR A 220 -4.01 -6.08 3.31
N GLU A 221 -5.34 -5.98 3.37
CA GLU A 221 -6.11 -6.83 4.27
C GLU A 221 -5.86 -8.30 3.98
N THR A 222 -5.94 -8.69 2.69
CA THR A 222 -5.65 -10.08 2.32
C THR A 222 -4.22 -10.47 2.67
N GLY A 223 -3.29 -9.51 2.63
CA GLY A 223 -1.91 -9.83 2.91
C GLY A 223 -1.22 -10.68 1.86
N THR A 224 -1.83 -10.83 0.68
CA THR A 224 -1.36 -11.75 -0.35
C THR A 224 -0.58 -11.07 -1.46
N ASP A 225 -0.84 -9.79 -1.71
CA ASP A 225 -0.19 -9.09 -2.81
C ASP A 225 0.97 -8.25 -2.31
N PHE A 226 1.73 -7.71 -3.27
CA PHE A 226 2.82 -6.76 -3.04
C PHE A 226 3.99 -7.37 -2.29
N GLY A 227 4.19 -8.68 -2.42
CA GLY A 227 5.42 -9.31 -1.99
C GLY A 227 5.44 -9.71 -0.53
N ASP A 228 6.64 -10.04 -0.06
CA ASP A 228 6.86 -10.48 1.30
C ASP A 228 6.87 -9.34 2.31
N GLY A 229 6.80 -8.08 1.86
CA GLY A 229 6.69 -6.96 2.75
C GLY A 229 5.29 -6.62 3.18
N ASN A 230 4.30 -7.29 2.61
CA ASN A 230 2.90 -7.09 2.98
C ASN A 230 2.63 -7.88 4.25
N LEU A 231 2.72 -7.21 5.39
CA LEU A 231 2.41 -7.80 6.68
C LEU A 231 0.91 -7.78 6.98
N GLY A 232 0.10 -7.29 6.05
CA GLY A 232 -1.35 -7.27 6.23
C GLY A 232 -1.80 -6.40 7.38
N VAL A 233 -2.87 -6.86 8.03
CA VAL A 233 -3.42 -6.15 9.19
C VAL A 233 -2.36 -6.05 10.29
N ARG A 234 -1.42 -6.99 10.33
CA ARG A 234 -0.29 -6.86 11.25
C ARG A 234 0.54 -5.62 10.93
N GLY A 235 0.79 -5.36 9.66
CA GLY A 235 1.51 -4.14 9.29
C GLY A 235 0.71 -2.89 9.60
N MET A 236 -0.61 -2.94 9.38
CA MET A 236 -1.45 -1.82 9.79
C MET A 236 -1.36 -1.57 11.29
N ALA A 237 -1.33 -2.64 12.08
CA ALA A 237 -1.20 -2.50 13.53
C ALA A 237 0.14 -1.90 13.92
N LEU A 238 1.22 -2.36 13.28
CA LEU A 238 2.54 -1.80 13.54
C LEU A 238 2.55 -0.30 13.25
N PHE A 239 1.92 0.11 12.13
CA PHE A 239 1.86 1.54 11.83
C PHE A 239 1.10 2.29 12.92
N PHE A 240 -0.10 1.85 13.26
CA PHE A 240 -0.93 2.64 14.15
C PHE A 240 -0.48 2.59 15.60
N TYR A 241 0.33 1.61 15.98
CA TYR A 241 0.89 1.62 17.33
C TYR A 241 1.81 2.81 17.54
N SER A 242 2.53 3.22 16.50
CA SER A 242 3.47 4.32 16.58
C SER A 242 2.90 5.64 16.06
N HIS A 243 1.77 5.61 15.38
CA HIS A 243 1.31 6.76 14.61
C HIS A 243 0.65 7.79 15.53
N ALA A 244 1.18 9.01 15.51
CA ALA A 244 0.58 10.16 16.17
C ALA A 244 -0.06 11.02 15.09
N CYS A 245 -1.39 11.12 15.11
CA CYS A 245 -2.07 11.98 14.16
C CYS A 245 -1.61 13.42 14.32
N ASN A 246 -1.44 14.10 13.20
CA ASN A 246 -0.91 15.45 13.18
C ASN A 246 -1.95 16.41 12.61
N ARG A 247 -1.53 17.66 12.37
CA ARG A 247 -2.45 18.66 11.85
C ARG A 247 -2.98 18.28 10.48
N ILE A 248 -2.19 17.55 9.68
CA ILE A 248 -2.66 17.17 8.36
C ILE A 248 -3.72 16.06 8.47
N CYS A 249 -3.47 15.06 9.31
CA CYS A 249 -4.48 14.03 9.56
C CYS A 249 -5.82 14.65 9.92
N GLU A 250 -5.79 15.68 10.77
CA GLU A 250 -7.03 16.31 11.21
C GLU A 250 -7.64 17.17 10.12
N SER A 251 -6.82 17.88 9.35
CA SER A 251 -7.33 18.70 8.26
C SER A 251 -8.04 17.87 7.19
N MET A 252 -7.75 16.57 7.12
CA MET A 252 -8.36 15.70 6.13
C MET A 252 -9.45 14.81 6.71
N GLY A 253 -9.71 14.90 8.01
CA GLY A 253 -10.76 14.12 8.63
C GLY A 253 -10.36 12.73 9.05
N LEU A 254 -9.07 12.45 9.17
CA LEU A 254 -8.62 11.11 9.53
C LEU A 254 -8.94 10.83 11.00
N ALA A 255 -9.79 9.85 11.24
CA ALA A 255 -10.12 9.47 12.60
C ALA A 255 -8.91 8.83 13.25
N PRO A 256 -8.53 9.25 14.46
CA PRO A 256 -7.39 8.60 15.13
C PRO A 256 -7.66 7.11 15.34
N PHE A 257 -6.58 6.35 15.45
CA PHE A 257 -6.70 4.96 15.82
C PHE A 257 -6.85 4.84 17.33
N ASP A 258 -7.80 4.01 17.75
CA ASP A 258 -8.08 3.88 19.18
C ASP A 258 -6.94 3.16 19.89
N LEU A 259 -6.00 3.92 20.44
CA LEU A 259 -4.89 3.38 21.21
C LEU A 259 -5.26 3.34 22.68
N SER A 260 -4.52 2.51 23.43
CA SER A 260 -4.70 2.46 24.87
C SER A 260 -4.28 3.80 25.47
N PRO A 261 -4.72 4.09 26.70
CA PRO A 261 -4.24 5.30 27.37
C PRO A 261 -2.73 5.33 27.49
N ARG A 262 -2.12 4.20 27.82
CA ARG A 262 -0.66 4.11 27.89
C ARG A 262 -0.02 4.27 26.52
N GLU A 263 -0.58 3.58 25.51
CA GLU A 263 -0.11 3.74 24.15
C GLU A 263 -0.26 5.19 23.69
N ARG A 264 -1.37 5.83 24.06
CA ARG A 264 -1.56 7.22 23.66
C ARG A 264 -0.54 8.13 24.33
N ASP A 265 -0.19 7.86 25.59
CA ASP A 265 0.86 8.65 26.24
C ASP A 265 2.21 8.47 25.53
N ALA A 266 2.55 7.22 25.22
CA ALA A 266 3.81 6.97 24.51
C ALA A 266 3.83 7.69 23.16
N VAL A 267 2.70 7.69 22.45
CA VAL A 267 2.62 8.39 21.18
C VAL A 267 2.72 9.89 21.38
N ASN A 268 2.11 10.42 22.45
CA ASN A 268 2.11 11.85 22.73
C ASN A 268 3.46 12.36 23.22
N GLN A 269 4.36 11.45 23.59
CA GLN A 269 5.73 11.85 23.97
C GLN A 269 6.41 12.74 22.93
N ASN A 270 5.84 12.83 21.72
CA ASN A 270 6.40 13.65 20.64
C ASN A 270 5.44 14.75 20.18
N THR A 271 4.45 15.08 21.02
CA THR A 271 3.49 16.12 20.64
C THR A 271 4.11 17.51 20.61
N LYS A 272 5.11 17.75 21.47
CA LYS A 272 5.82 19.02 21.42
C LYS A 272 6.66 19.12 20.15
N LEU A 273 7.24 18.01 19.71
CA LEU A 273 7.91 17.99 18.41
C LEU A 273 6.93 18.24 17.28
N LEU A 274 5.73 17.64 17.36
CA LEU A 274 4.71 17.86 16.35
C LEU A 274 4.30 19.33 16.30
N GLN A 275 4.14 19.97 17.46
CA GLN A 275 3.78 21.37 17.49
C GLN A 275 4.92 22.25 16.97
N SER A 276 6.15 21.79 17.07
CA SER A 276 7.32 22.51 16.57
C SER A 276 7.71 22.10 15.17
N ALA A 277 6.93 21.23 14.51
CA ALA A 277 7.25 20.81 13.16
C ALA A 277 7.18 21.99 12.20
N LYS A 278 7.76 21.79 11.02
CA LYS A 278 7.92 22.89 10.07
C LYS A 278 6.75 23.04 9.12
N TPO A 279 6.05 21.95 8.84
CA TPO A 279 4.94 21.99 7.89
CB TPO A 279 4.67 20.60 7.33
CG2 TPO A 279 3.51 20.66 6.35
OG1 TPO A 279 5.83 20.16 6.64
P TPO A 279 6.28 18.70 7.08
O1P TPO A 279 6.42 18.57 8.64
O2P TPO A 279 7.65 18.35 6.38
O3P TPO A 279 5.28 17.70 6.62
C TPO A 279 3.70 22.60 8.52
O TPO A 279 3.13 22.06 9.48
N ILE A 280 3.27 23.73 7.97
CA ILE A 280 2.10 24.44 8.47
C ILE A 280 0.96 24.28 7.48
N LEU A 281 -0.27 24.16 7.99
CA LEU A 281 -1.41 23.97 7.12
C LEU A 281 -1.70 25.24 6.35
N ARG A 282 -2.45 25.09 5.25
CA ARG A 282 -2.79 26.21 4.38
C ARG A 282 -4.24 26.64 4.48
N GLY A 283 -5.12 25.80 5.03
CA GLY A 283 -6.53 26.08 5.05
C GLY A 283 -7.30 25.56 3.85
N THR A 284 -6.61 25.14 2.80
CA THR A 284 -7.25 24.64 1.59
C THR A 284 -7.41 23.12 1.58
N GLU A 285 -6.98 22.43 2.65
CA GLU A 285 -7.04 20.98 2.69
C GLU A 285 -8.48 20.50 2.66
N GLU A 286 -8.67 19.29 2.13
CA GLU A 286 -9.99 18.74 1.91
C GLU A 286 -10.16 17.43 2.68
N LYS A 287 -11.43 17.08 2.92
CA LYS A 287 -11.75 15.91 3.72
C LYS A 287 -11.72 14.64 2.87
N CYS A 288 -11.41 13.53 3.52
CA CYS A 288 -11.27 12.23 2.87
C CYS A 288 -12.51 11.84 2.06
N LEU A 302 -14.35 4.45 -1.70
CA LEU A 302 -15.08 4.67 -0.47
C LEU A 302 -14.14 4.72 0.73
N PRO A 303 -14.25 5.78 1.52
CA PRO A 303 -13.39 5.90 2.71
C PRO A 303 -13.98 5.22 3.95
N ARG A 304 -13.21 5.21 5.03
CA ARG A 304 -13.61 4.56 6.27
C ARG A 304 -12.85 5.19 7.42
N ALA A 305 -13.46 5.17 8.61
CA ALA A 305 -12.91 5.81 9.79
C ALA A 305 -12.08 4.82 10.59
N SER A 306 -10.93 5.30 11.08
CA SER A 306 -10.03 4.47 11.88
C SER A 306 -10.44 4.40 13.35
N ALA A 307 -11.64 4.86 13.70
CA ALA A 307 -12.11 4.86 15.08
C ALA A 307 -13.17 3.80 15.27
N VAL A 308 -13.11 3.13 16.43
CA VAL A 308 -14.03 2.03 16.71
C VAL A 308 -15.47 2.51 16.84
N ALA A 309 -15.70 3.78 17.18
CA ALA A 309 -17.06 4.28 17.31
C ALA A 309 -17.75 4.39 15.95
N LEU A 310 -17.14 5.15 15.03
CA LEU A 310 -17.72 5.28 13.70
C LEU A 310 -17.75 3.96 12.96
N GLU A 311 -16.77 3.07 13.23
CA GLU A 311 -16.81 1.75 12.63
C GLU A 311 -17.91 0.88 13.23
N VAL A 312 -18.19 1.02 14.53
CA VAL A 312 -19.29 0.30 15.14
C VAL A 312 -20.61 0.75 14.56
N GLN A 313 -20.72 2.03 14.20
CA GLN A 313 -21.89 2.51 13.47
C GLN A 313 -21.93 1.94 12.06
N ARG A 314 -20.78 1.97 11.36
CA ARG A 314 -20.69 1.42 10.00
C ARG A 314 -21.15 -0.03 9.96
N LEU A 315 -20.79 -0.83 10.97
CA LEU A 315 -21.21 -2.22 11.03
C LEU A 315 -22.71 -2.35 11.31
N ASN A 316 -23.31 -1.36 11.97
CA ASN A 316 -24.74 -1.39 12.25
C ASN A 316 -25.58 -1.27 10.97
N LYS A 326 -15.58 -9.21 9.62
CA LYS A 326 -16.40 -8.28 8.85
C LYS A 326 -15.87 -6.85 8.95
N SER A 327 -14.87 -6.65 9.81
CA SER A 327 -14.25 -5.33 10.00
C SER A 327 -12.74 -5.48 9.99
N ILE A 328 -12.09 -4.79 9.04
CA ILE A 328 -10.63 -4.81 8.98
C ILE A 328 -10.03 -4.17 10.22
N LEU A 329 -10.64 -3.08 10.70
CA LEU A 329 -10.13 -2.38 11.87
C LEU A 329 -10.09 -3.29 13.10
N GLY A 330 -11.13 -4.12 13.26
CA GLY A 330 -11.11 -5.08 14.35
C GLY A 330 -9.98 -6.09 14.22
N LYS A 331 -9.68 -6.49 12.99
CA LYS A 331 -8.54 -7.37 12.76
C LYS A 331 -7.23 -6.67 13.10
N VAL A 332 -7.15 -5.36 12.86
CA VAL A 332 -5.97 -4.61 13.26
C VAL A 332 -5.82 -4.61 14.78
N HIS A 333 -6.92 -4.37 15.50
CA HIS A 333 -6.86 -4.40 16.96
C HIS A 333 -6.46 -5.78 17.47
N LEU A 334 -6.98 -6.84 16.86
CA LEU A 334 -6.60 -8.20 17.25
C LEU A 334 -5.12 -8.46 16.99
N ALA A 335 -4.61 -7.99 15.85
CA ALA A 335 -3.18 -8.09 15.58
C ALA A 335 -2.37 -7.35 16.64
N MET A 336 -2.85 -6.18 17.08
CA MET A 336 -2.20 -5.47 18.17
C MET A 336 -2.16 -6.31 19.43
N VAL A 337 -3.27 -6.99 19.73
CA VAL A 337 -3.30 -7.90 20.88
C VAL A 337 -2.19 -8.93 20.78
N ARG A 338 -2.07 -9.58 19.62
CA ARG A 338 -1.09 -10.65 19.48
C ARG A 338 0.34 -10.13 19.47
N TYR A 339 0.56 -8.90 18.99
CA TYR A 339 1.89 -8.32 19.04
C TYR A 339 2.27 -7.94 20.47
N HIS A 340 1.30 -7.46 21.25
CA HIS A 340 1.54 -7.23 22.67
C HIS A 340 1.91 -8.53 23.38
N GLU A 341 1.14 -9.58 23.12
CA GLU A 341 1.42 -10.86 23.75
C GLU A 341 2.77 -11.41 23.32
N GLY A 342 3.13 -11.22 22.05
CA GLY A 342 4.39 -11.71 21.51
C GLY A 342 5.61 -10.90 21.87
N GLY A 343 5.46 -9.82 22.64
CA GLY A 343 6.59 -9.02 23.04
C GLY A 343 7.09 -8.03 22.01
N ARG A 344 6.38 -7.89 20.89
CA ARG A 344 6.78 -6.95 19.85
C ARG A 344 6.94 -5.54 20.39
N PHE A 345 5.88 -5.01 21.00
CA PHE A 345 5.87 -3.66 21.56
C PHE A 345 6.50 -3.59 22.94
N CYS A 346 7.26 -4.60 23.35
CA CYS A 346 7.78 -4.64 24.71
C CYS A 346 9.06 -3.82 24.82
N GLU A 347 9.10 -2.93 25.80
CA GLU A 347 10.30 -2.14 26.07
C GLU A 347 10.73 -2.36 27.51
N GLU A 350 11.14 -3.95 30.62
CA GLU A 350 9.88 -4.06 31.35
C GLU A 350 9.00 -5.15 30.75
N GLU A 351 7.76 -5.22 31.23
CA GLU A 351 6.84 -6.30 30.90
C GLU A 351 5.89 -5.90 29.78
N TRP A 352 5.35 -6.91 29.10
CA TRP A 352 4.42 -6.64 28.00
C TRP A 352 3.06 -6.20 28.56
N ASP A 353 2.38 -5.36 27.78
CA ASP A 353 1.43 -4.41 28.35
C ASP A 353 0.26 -5.10 29.04
N GLN A 354 -0.24 -6.20 28.47
CA GLN A 354 -1.38 -6.92 29.03
C GLN A 354 -2.63 -6.05 29.09
N GLU A 355 -2.56 -4.92 29.81
CA GLU A 355 -3.70 -4.02 29.90
C GLU A 355 -4.10 -3.51 28.52
N SER A 356 -3.13 -3.01 27.75
CA SER A 356 -3.43 -2.55 26.39
C SER A 356 -3.84 -3.69 25.49
N ALA A 357 -3.24 -4.88 25.69
CA ALA A 357 -3.67 -6.06 24.97
C ALA A 357 -5.15 -6.31 25.17
N VAL A 358 -5.61 -6.19 26.42
CA VAL A 358 -7.03 -6.39 26.71
C VAL A 358 -7.87 -5.27 26.13
N PHE A 359 -7.37 -4.03 26.19
CA PHE A 359 -8.04 -2.89 25.58
C PHE A 359 -8.34 -3.17 24.10
N HIS A 360 -7.32 -3.60 23.37
CA HIS A 360 -7.49 -3.89 21.95
C HIS A 360 -8.28 -5.17 21.71
N LEU A 361 -8.24 -6.12 22.64
CA LEU A 361 -9.10 -7.30 22.51
C LEU A 361 -10.57 -6.91 22.63
N GLU A 362 -10.88 -6.01 23.56
CA GLU A 362 -12.24 -5.51 23.69
C GLU A 362 -12.66 -4.74 22.44
N HIS A 363 -11.79 -3.87 21.94
CA HIS A 363 -12.11 -3.15 20.71
C HIS A 363 -12.36 -4.09 19.55
N ALA A 364 -11.51 -5.12 19.40
CA ALA A 364 -11.73 -6.13 18.37
C ALA A 364 -13.07 -6.83 18.57
N ALA A 365 -13.41 -7.16 19.81
CA ALA A 365 -14.67 -7.85 20.09
C ALA A 365 -15.87 -7.00 19.68
N ASN A 366 -15.89 -5.75 20.13
CA ASN A 366 -16.99 -4.84 19.78
C ASN A 366 -17.08 -4.61 18.28
N LEU A 367 -16.01 -4.89 17.54
CA LEU A 367 -16.02 -4.80 16.09
C LEU A 367 -16.28 -6.14 15.42
N GLY A 368 -16.56 -7.18 16.20
CA GLY A 368 -17.08 -8.41 15.65
C GLY A 368 -16.08 -9.48 15.29
N GLU A 369 -14.86 -9.43 15.82
CA GLU A 369 -13.90 -10.50 15.60
C GLU A 369 -14.24 -11.66 16.52
N LEU A 370 -14.72 -12.76 15.92
CA LEU A 370 -15.21 -13.89 16.71
C LEU A 370 -14.16 -14.39 17.68
N GLU A 371 -12.89 -14.41 17.27
CA GLU A 371 -11.82 -14.82 18.17
C GLU A 371 -11.78 -13.95 19.41
N ALA A 372 -11.95 -12.63 19.24
CA ALA A 372 -11.91 -11.73 20.39
C ALA A 372 -13.13 -11.92 21.29
N ILE A 373 -14.30 -12.16 20.71
CA ILE A 373 -15.50 -12.37 21.51
C ILE A 373 -15.40 -13.65 22.32
N VAL A 374 -14.93 -14.74 21.68
CA VAL A 374 -14.69 -15.98 22.41
C VAL A 374 -13.68 -15.75 23.53
N GLY A 375 -12.56 -15.11 23.20
CA GLY A 375 -11.50 -14.93 24.19
C GLY A 375 -11.96 -14.11 25.38
N LEU A 376 -12.71 -13.04 25.14
CA LEU A 376 -13.20 -12.22 26.24
C LEU A 376 -14.28 -12.95 27.02
N GLY A 377 -15.12 -13.74 26.35
CA GLY A 377 -16.09 -14.54 27.08
C GLY A 377 -15.44 -15.54 28.01
N LEU A 378 -14.34 -16.15 27.57
CA LEU A 378 -13.61 -17.07 28.42
C LEU A 378 -12.90 -16.33 29.55
N MET A 379 -12.32 -15.17 29.23
CA MET A 379 -11.55 -14.42 30.23
C MET A 379 -12.46 -13.89 31.33
N TYR A 380 -13.57 -13.26 30.96
CA TYR A 380 -14.52 -12.75 31.95
C TYR A 380 -15.21 -13.86 32.73
N SER A 381 -15.30 -15.06 32.17
CA SER A 381 -15.82 -16.23 32.88
C SER A 381 -14.71 -16.98 33.62
N GLN A 382 -13.52 -16.39 33.74
CA GLN A 382 -12.37 -17.01 34.40
C GLN A 382 -12.07 -18.39 33.81
N LEU A 383 -12.25 -18.53 32.51
CA LEU A 383 -12.03 -19.83 31.90
C LEU A 383 -10.71 -19.86 31.14
N PRO A 384 -10.11 -21.04 30.97
CA PRO A 384 -8.90 -21.13 30.14
C PRO A 384 -9.16 -20.59 28.75
N HIS A 385 -8.25 -19.74 28.29
CA HIS A 385 -8.37 -19.10 26.99
C HIS A 385 -7.06 -19.25 26.23
N HIS A 386 -7.16 -19.16 24.91
CA HIS A 386 -5.99 -19.28 24.05
C HIS A 386 -5.31 -17.92 23.86
N ILE A 387 -6.03 -16.97 23.25
CA ILE A 387 -5.50 -15.63 23.07
C ILE A 387 -5.36 -14.96 24.44
N LEU A 388 -4.18 -14.41 24.72
CA LEU A 388 -3.87 -13.80 26.01
C LEU A 388 -3.99 -14.81 27.15
N ALA A 389 -3.44 -16.01 26.93
CA ALA A 389 -3.66 -17.13 27.85
C ALA A 389 -3.23 -16.79 29.27
N ASP A 390 -2.04 -16.21 29.44
CA ASP A 390 -1.50 -15.92 30.76
C ASP A 390 -2.10 -14.66 31.39
N VAL A 391 -3.17 -14.12 30.82
CA VAL A 391 -3.84 -12.93 31.35
C VAL A 391 -5.13 -13.37 32.02
N SER A 392 -5.23 -13.11 33.32
CA SER A 392 -6.43 -13.42 34.10
C SER A 392 -7.06 -12.12 34.56
N LEU A 393 -8.36 -11.98 34.29
CA LEU A 393 -9.10 -10.80 34.71
C LEU A 393 -9.68 -11.01 36.10
N LYS A 394 -9.83 -9.91 36.83
CA LYS A 394 -10.34 -9.98 38.19
C LYS A 394 -11.80 -10.39 38.18
N GLU A 395 -12.15 -11.35 39.03
CA GLU A 395 -13.53 -11.80 39.14
C GLU A 395 -14.41 -10.68 39.66
N THR A 396 -15.42 -10.31 38.87
CA THR A 396 -16.50 -9.45 39.33
C THR A 396 -17.80 -10.04 38.81
N GLU A 397 -18.90 -9.79 39.53
CA GLU A 397 -20.20 -10.27 39.07
C GLU A 397 -20.53 -9.67 37.71
N GLU A 398 -20.24 -8.39 37.53
CA GLU A 398 -20.35 -7.76 36.21
C GLU A 398 -19.52 -8.52 35.18
N ASN A 399 -18.35 -9.02 35.59
CA ASN A 399 -17.55 -9.82 34.67
C ASN A 399 -18.18 -11.19 34.41
N LYS A 400 -18.93 -11.73 35.37
CA LYS A 400 -19.65 -12.97 35.10
C LYS A 400 -20.72 -12.77 34.03
N THR A 401 -21.50 -11.68 34.16
CA THR A 401 -22.49 -11.37 33.14
C THR A 401 -21.83 -11.10 31.79
N LYS A 402 -20.71 -10.37 31.79
CA LYS A 402 -20.00 -10.10 30.54
C LYS A 402 -19.49 -11.39 29.90
N GLY A 403 -18.94 -12.28 30.72
CA GLY A 403 -18.43 -13.54 30.18
C GLY A 403 -19.53 -14.36 29.52
N PHE A 404 -20.66 -14.54 30.22
CA PHE A 404 -21.72 -15.32 29.60
C PHE A 404 -22.31 -14.61 28.38
N ASP A 405 -22.42 -13.28 28.41
CA ASP A 405 -22.96 -12.56 27.26
C ASP A 405 -22.06 -12.73 26.04
N TYR A 406 -20.74 -12.60 26.23
CA TYR A 406 -19.81 -12.81 25.12
C TYR A 406 -19.87 -14.24 24.62
N LEU A 407 -20.01 -15.20 25.53
CA LEU A 407 -20.07 -16.60 25.10
C LEU A 407 -21.35 -16.89 24.33
N LEU A 408 -22.47 -16.29 24.74
CA LEU A 408 -23.70 -16.46 23.99
C LEU A 408 -23.62 -15.78 22.63
N LYS A 409 -23.00 -14.59 22.56
CA LYS A 409 -22.78 -13.95 21.27
C LYS A 409 -21.94 -14.84 20.36
N ALA A 410 -20.85 -15.39 20.89
CA ALA A 410 -20.01 -16.28 20.10
C ALA A 410 -20.77 -17.52 19.65
N ALA A 411 -21.61 -18.07 20.53
CA ALA A 411 -22.42 -19.23 20.16
C ALA A 411 -23.38 -18.88 19.03
N GLU A 412 -24.10 -17.75 19.16
CA GLU A 412 -24.98 -17.29 18.11
C GLU A 412 -24.24 -16.96 16.83
N ALA A 413 -22.95 -16.69 16.91
CA ALA A 413 -22.11 -16.43 15.74
C ALA A 413 -21.48 -17.69 15.16
N GLY A 414 -21.67 -18.84 15.80
CA GLY A 414 -21.23 -20.10 15.24
C GLY A 414 -20.01 -20.73 15.88
N ASP A 415 -19.49 -20.18 16.98
CA ASP A 415 -18.37 -20.82 17.65
C ASP A 415 -18.86 -22.03 18.43
N ARG A 416 -18.40 -23.21 18.05
CA ARG A 416 -18.88 -24.45 18.65
C ARG A 416 -18.48 -24.54 20.13
N GLN A 417 -17.25 -24.14 20.45
CA GLN A 417 -16.80 -24.16 21.84
C GLN A 417 -17.75 -23.36 22.73
N SER A 418 -18.10 -22.15 22.29
CA SER A 418 -19.02 -21.32 23.06
C SER A 418 -20.41 -21.94 23.11
N MET A 419 -20.85 -22.58 22.02
CA MET A 419 -22.15 -23.22 22.03
C MET A 419 -22.20 -24.33 23.09
N ILE A 420 -21.11 -25.08 23.25
CA ILE A 420 -21.09 -26.13 24.26
C ILE A 420 -21.02 -25.52 25.66
N LEU A 421 -20.23 -24.46 25.84
CA LEU A 421 -20.18 -23.83 27.15
C LEU A 421 -21.53 -23.24 27.54
N VAL A 422 -22.28 -22.70 26.56
CA VAL A 422 -23.59 -22.12 26.85
C VAL A 422 -24.62 -23.21 27.10
N ALA A 423 -24.55 -24.32 26.36
CA ALA A 423 -25.39 -25.47 26.66
C ALA A 423 -25.15 -25.96 28.07
N ARG A 424 -23.88 -26.10 28.46
CA ARG A 424 -23.56 -26.54 29.81
C ARG A 424 -24.04 -25.53 30.85
N ALA A 425 -23.94 -24.24 30.54
CA ALA A 425 -24.40 -23.21 31.49
C ALA A 425 -25.91 -23.29 31.69
N PHE A 426 -26.66 -23.40 30.60
CA PHE A 426 -28.11 -23.54 30.72
C PHE A 426 -28.50 -24.87 31.36
N ASP A 427 -27.66 -25.89 31.21
CA ASP A 427 -27.92 -27.21 31.76
C ASP A 427 -27.68 -27.23 33.27
N SER A 428 -26.42 -27.08 33.67
CA SER A 428 -25.98 -27.25 35.04
C SER A 428 -25.82 -25.95 35.81
N GLY A 429 -25.81 -24.80 35.12
CA GLY A 429 -25.53 -23.54 35.75
C GLY A 429 -24.06 -23.15 35.77
N GLN A 430 -23.17 -24.05 35.33
CA GLN A 430 -21.75 -23.75 35.29
C GLN A 430 -21.47 -22.62 34.32
N ASN A 431 -20.87 -21.54 34.83
CA ASN A 431 -20.56 -20.34 34.05
C ASN A 431 -21.81 -19.63 33.56
N LEU A 432 -22.97 -19.95 34.12
CA LEU A 432 -24.19 -19.25 33.77
C LEU A 432 -24.21 -17.88 34.43
N SER A 433 -24.65 -16.88 33.68
CA SER A 433 -24.80 -15.55 34.24
C SER A 433 -25.79 -15.58 35.40
N PRO A 434 -25.47 -14.93 36.53
CA PRO A 434 -26.41 -14.93 37.65
C PRO A 434 -27.76 -14.33 37.31
N ASP A 435 -27.80 -13.37 36.39
CA ASP A 435 -29.06 -12.79 35.94
C ASP A 435 -29.80 -13.67 34.94
N ARG A 436 -29.41 -14.93 34.81
CA ARG A 436 -30.11 -15.88 33.96
C ARG A 436 -30.45 -17.12 34.78
N CYS A 437 -31.32 -17.95 34.23
CA CYS A 437 -31.80 -19.13 34.91
C CYS A 437 -31.42 -20.37 34.10
N GLN A 438 -31.17 -21.47 34.82
CA GLN A 438 -31.04 -22.76 34.16
C GLN A 438 -32.28 -23.02 33.32
N ASP A 439 -32.06 -23.40 32.06
CA ASP A 439 -33.13 -23.57 31.09
C ASP A 439 -32.74 -24.75 30.22
N TRP A 440 -33.32 -25.92 30.51
CA TRP A 440 -32.96 -27.11 29.76
C TRP A 440 -33.48 -27.07 28.33
N LEU A 441 -34.49 -26.25 28.05
CA LEU A 441 -34.89 -26.04 26.66
C LEU A 441 -33.79 -25.33 25.89
N GLU A 442 -33.27 -24.23 26.46
CA GLU A 442 -32.16 -23.53 25.83
C GLU A 442 -30.91 -24.40 25.79
N ALA A 443 -30.64 -25.14 26.87
CA ALA A 443 -29.49 -26.03 26.90
C ALA A 443 -29.58 -27.08 25.82
N LEU A 444 -30.77 -27.66 25.62
CA LEU A 444 -30.97 -28.62 24.54
C LEU A 444 -30.76 -27.96 23.19
N HIS A 445 -31.29 -26.75 23.02
CA HIS A 445 -31.08 -26.00 21.78
C HIS A 445 -29.60 -25.89 21.46
N TRP A 446 -28.79 -25.52 22.44
CA TRP A 446 -27.37 -25.31 22.16
C TRP A 446 -26.59 -26.62 22.02
N TYR A 447 -26.93 -27.66 22.79
CA TYR A 447 -26.37 -28.97 22.55
C TYR A 447 -26.61 -29.42 21.11
N ASN A 448 -27.85 -29.33 20.66
CA ASN A 448 -28.18 -29.80 19.31
C ASN A 448 -27.58 -28.91 18.23
N THR A 449 -27.44 -27.62 18.51
CA THR A 449 -26.71 -26.76 17.57
C THR A 449 -25.26 -27.18 17.46
N ALA A 450 -24.67 -27.60 18.58
CA ALA A 450 -23.31 -28.13 18.55
C ALA A 450 -23.23 -29.41 17.73
N LEU A 451 -24.18 -30.34 17.95
CA LEU A 451 -24.14 -31.62 17.27
C LEU A 451 -24.40 -31.48 15.78
N GLU A 452 -25.14 -30.46 15.36
CA GLU A 452 -25.46 -30.23 13.95
C GLU A 452 -24.36 -29.45 13.23
N MET A 453 -23.14 -29.44 13.77
CA MET A 453 -22.08 -28.60 13.23
C MET A 453 -20.75 -29.34 13.18
N ASP A 467 -13.41 -30.81 23.41
CA ASP A 467 -12.98 -32.07 22.80
C ASP A 467 -13.74 -33.26 23.37
N GLU A 468 -15.03 -33.07 23.63
CA GLU A 468 -15.97 -34.06 24.13
C GLU A 468 -16.63 -34.80 22.97
N PRO A 469 -16.79 -36.12 23.05
CA PRO A 469 -17.41 -36.86 21.95
C PRO A 469 -18.86 -36.47 21.75
N ARG A 470 -19.38 -36.81 20.56
CA ARG A 470 -20.75 -36.46 20.23
C ARG A 470 -21.75 -37.36 20.95
N TYR A 471 -21.41 -38.65 21.13
CA TYR A 471 -22.31 -39.53 21.87
C TYR A 471 -22.51 -39.02 23.29
N MET A 472 -21.53 -38.28 23.83
CA MET A 472 -21.67 -37.73 25.17
C MET A 472 -22.80 -36.70 25.22
N MET A 473 -22.80 -35.75 24.29
CA MET A 473 -23.85 -34.74 24.27
C MET A 473 -25.20 -35.34 23.92
N LEU A 474 -25.22 -36.30 23.00
CA LEU A 474 -26.47 -36.99 22.70
C LEU A 474 -27.04 -37.67 23.94
N ALA A 475 -26.18 -38.37 24.70
CA ALA A 475 -26.64 -39.02 25.91
C ALA A 475 -27.04 -38.02 26.98
N ARG A 476 -26.40 -36.85 27.03
CA ARG A 476 -26.80 -35.84 28.01
C ARG A 476 -28.18 -35.29 27.70
N GLU A 477 -28.45 -34.99 26.43
CA GLU A 477 -29.81 -34.64 26.02
C GLU A 477 -30.79 -35.74 26.38
N ALA A 478 -30.36 -36.99 26.20
CA ALA A 478 -31.22 -38.13 26.52
C ALA A 478 -31.57 -38.17 28.00
N GLU A 479 -30.57 -37.96 28.87
CA GLU A 479 -30.82 -37.89 30.31
C GLU A 479 -31.81 -36.77 30.64
N MET A 480 -31.56 -35.59 30.08
CA MET A 480 -32.39 -34.43 30.37
C MET A 480 -33.84 -34.67 29.98
N LEU A 481 -34.07 -35.32 28.84
CA LEU A 481 -35.42 -35.64 28.43
C LEU A 481 -35.99 -36.84 29.19
N PHE A 482 -35.13 -37.71 29.73
CA PHE A 482 -35.59 -38.80 30.57
C PHE A 482 -36.22 -38.28 31.84
N THR A 483 -35.58 -37.32 32.50
CA THR A 483 -36.15 -36.78 33.73
C THR A 483 -36.97 -35.52 33.51
N GLY A 484 -36.66 -34.73 32.49
CA GLY A 484 -37.20 -33.38 32.41
C GLY A 484 -36.58 -32.51 33.48
N GLY A 485 -36.96 -31.25 33.47
CA GLY A 485 -36.52 -30.30 34.47
C GLY A 485 -36.14 -28.96 33.87
N TYR A 486 -36.11 -27.93 34.73
CA TYR A 486 -35.68 -26.58 34.37
C TYR A 486 -36.39 -26.10 33.10
N GLY A 487 -37.71 -26.29 33.08
CA GLY A 487 -38.54 -25.83 32.00
C GLY A 487 -38.76 -26.81 30.88
N LEU A 488 -38.12 -27.98 30.93
CA LEU A 488 -38.25 -29.00 29.90
C LEU A 488 -39.03 -30.18 30.45
N GLU A 489 -40.08 -30.58 29.75
CA GLU A 489 -40.92 -31.68 30.20
C GLU A 489 -40.32 -33.01 29.78
N LYS A 490 -40.50 -34.02 30.64
CA LYS A 490 -40.15 -35.40 30.31
C LYS A 490 -40.64 -35.76 28.91
N ASP A 491 -39.78 -36.44 28.16
CA ASP A 491 -40.13 -36.94 26.83
C ASP A 491 -39.47 -38.30 26.67
N PRO A 492 -40.09 -39.36 27.21
CA PRO A 492 -39.50 -40.71 27.08
C PRO A 492 -39.19 -41.11 25.65
N GLN A 493 -40.09 -40.85 24.71
CA GLN A 493 -39.87 -41.24 23.32
C GLN A 493 -38.62 -40.56 22.76
N ARG A 494 -38.52 -39.24 22.93
CA ARG A 494 -37.35 -38.52 22.44
C ARG A 494 -36.09 -38.90 23.20
N SER A 495 -36.21 -39.19 24.50
CA SER A 495 -35.06 -39.66 25.27
C SER A 495 -34.52 -40.96 24.68
N GLY A 496 -35.40 -41.90 24.36
CA GLY A 496 -34.96 -43.14 23.74
C GLY A 496 -34.37 -42.92 22.35
N ASP A 497 -34.99 -42.03 21.56
CA ASP A 497 -34.43 -41.71 20.25
C ASP A 497 -33.01 -41.18 20.38
N LEU A 498 -32.77 -40.27 21.32
CA LEU A 498 -31.45 -39.69 21.48
C LEU A 498 -30.45 -40.68 22.07
N TYR A 499 -30.91 -41.57 22.97
CA TYR A 499 -30.03 -42.61 23.46
C TYR A 499 -29.63 -43.58 22.34
N THR A 500 -30.52 -43.84 21.39
CA THR A 500 -30.15 -44.69 20.27
C THR A 500 -29.20 -43.99 19.31
N GLN A 501 -29.42 -42.68 19.09
CA GLN A 501 -28.44 -41.91 18.33
C GLN A 501 -27.07 -41.95 19.00
N ALA A 502 -27.04 -41.84 20.33
CA ALA A 502 -25.78 -41.90 21.06
C ALA A 502 -25.15 -43.28 20.97
N ALA A 503 -25.98 -44.34 20.99
CA ALA A 503 -25.46 -45.68 20.82
C ALA A 503 -24.80 -45.85 19.45
N GLU A 504 -25.45 -45.33 18.41
CA GLU A 504 -24.86 -45.40 17.06
C GLU A 504 -23.56 -44.60 17.00
N ALA A 505 -23.54 -43.41 17.60
CA ALA A 505 -22.32 -42.61 17.57
C ALA A 505 -21.19 -43.30 18.32
N ALA A 506 -21.51 -43.92 19.47
CA ALA A 506 -20.52 -44.73 20.18
C ALA A 506 -20.00 -45.85 19.28
N MET A 507 -20.90 -46.51 18.54
CA MET A 507 -20.49 -47.55 17.61
C MET A 507 -19.51 -46.99 16.59
N GLU A 508 -19.74 -45.76 16.11
CA GLU A 508 -18.79 -45.12 15.20
C GLU A 508 -17.41 -44.98 15.85
N ALA A 509 -17.37 -44.51 17.09
CA ALA A 509 -16.13 -44.33 17.82
C ALA A 509 -15.61 -45.61 18.46
N MET A 510 -16.09 -46.77 18.01
CA MET A 510 -15.63 -48.09 18.46
C MET A 510 -16.06 -48.39 19.89
N LYS A 511 -16.67 -47.41 20.57
CA LYS A 511 -17.14 -47.62 21.93
C LYS A 511 -18.35 -48.54 21.95
N GLY A 512 -18.14 -49.82 21.64
CA GLY A 512 -19.25 -50.74 21.49
C GLY A 512 -19.99 -51.01 22.79
N ARG A 513 -19.25 -51.22 23.88
CA ARG A 513 -19.90 -51.49 25.16
C ARG A 513 -20.64 -50.26 25.67
N LEU A 514 -20.11 -49.07 25.40
CA LEU A 514 -20.85 -47.84 25.69
C LEU A 514 -22.10 -47.74 24.81
N ALA A 515 -21.98 -48.14 23.54
CA ALA A 515 -23.15 -48.18 22.67
C ALA A 515 -24.22 -49.13 23.22
N ASN A 516 -23.79 -50.26 23.80
CA ASN A 516 -24.74 -51.19 24.37
C ASN A 516 -25.41 -50.59 25.60
N GLN A 517 -24.64 -49.88 26.44
CA GLN A 517 -25.25 -49.18 27.56
C GLN A 517 -26.26 -48.15 27.08
N TYR A 518 -25.97 -47.46 25.97
CA TYR A 518 -26.88 -46.44 25.47
C TYR A 518 -28.14 -47.06 24.89
N TYR A 519 -28.01 -48.19 24.19
CA TYR A 519 -29.19 -48.92 23.72
C TYR A 519 -30.05 -49.37 24.90
N GLN A 520 -29.41 -49.86 25.96
CA GLN A 520 -30.16 -50.23 27.16
C GLN A 520 -30.88 -49.02 27.74
N LYS A 521 -30.21 -47.88 27.82
CA LYS A 521 -30.84 -46.68 28.36
C LYS A 521 -32.01 -46.23 27.50
N ALA A 522 -31.91 -46.40 26.18
CA ALA A 522 -33.04 -46.10 25.30
C ALA A 522 -34.21 -47.01 25.59
N GLU A 523 -33.95 -48.31 25.71
CA GLU A 523 -35.01 -49.25 26.08
C GLU A 523 -35.64 -48.88 27.41
N GLU A 524 -34.83 -48.42 28.36
CA GLU A 524 -35.36 -48.03 29.66
C GLU A 524 -36.21 -46.77 29.56
N ALA A 525 -35.78 -45.81 28.75
CA ALA A 525 -36.58 -44.61 28.52
C ALA A 525 -37.94 -44.97 27.93
N TRP A 526 -37.94 -45.87 26.93
CA TRP A 526 -39.20 -46.27 26.30
C TRP A 526 -40.06 -47.15 27.19
N ALA A 527 -39.46 -47.86 28.15
CA ALA A 527 -40.24 -48.72 29.04
C ALA A 527 -41.19 -47.94 29.92
N GLN A 528 -40.95 -46.64 30.12
CA GLN A 528 -41.88 -45.83 30.89
C GLN A 528 -43.19 -45.59 30.13
N MET A 529 -43.12 -45.56 28.79
CA MET A 529 -44.32 -45.36 27.99
C MET A 529 -45.17 -46.62 28.01
N GLU A 530 -46.40 -46.50 28.50
CA GLU A 530 -47.42 -47.53 28.34
C GLU A 530 -46.97 -48.91 28.83
N THR B 5 26.35 29.18 -37.91
CA THR B 5 25.85 28.70 -39.19
C THR B 5 26.70 29.21 -40.34
N GLU B 6 27.91 28.66 -40.48
CA GLU B 6 28.84 29.09 -41.52
C GLU B 6 29.37 27.91 -42.32
N GLU B 7 30.28 27.14 -41.71
CA GLU B 7 30.76 25.91 -42.35
C GLU B 7 29.61 24.97 -42.66
N GLN B 8 28.55 25.01 -41.85
CA GLN B 8 27.33 24.28 -42.19
C GLN B 8 26.71 24.82 -43.48
N ILE B 9 26.80 26.13 -43.68
CA ILE B 9 26.37 26.71 -44.96
C ILE B 9 27.21 26.17 -46.10
N ALA B 10 28.51 25.93 -45.86
CA ALA B 10 29.36 25.35 -46.88
C ALA B 10 28.95 23.91 -47.19
N GLU B 11 28.63 23.13 -46.16
CA GLU B 11 28.17 21.77 -46.37
C GLU B 11 26.87 21.75 -47.18
N PHE B 12 25.93 22.62 -46.81
CA PHE B 12 24.67 22.71 -47.55
C PHE B 12 24.91 23.13 -49.00
N LYS B 13 25.83 24.07 -49.21
CA LYS B 13 26.13 24.54 -50.56
C LYS B 13 26.71 23.43 -51.42
N GLU B 14 27.62 22.64 -50.86
CA GLU B 14 28.17 21.51 -51.61
C GLU B 14 27.08 20.49 -51.92
N ALA B 15 26.23 20.18 -50.94
CA ALA B 15 25.14 19.23 -51.17
C ALA B 15 24.25 19.68 -52.31
N PHE B 16 23.84 20.95 -52.30
CA PHE B 16 23.01 21.47 -53.38
C PHE B 16 23.76 21.42 -54.72
N SER B 17 24.99 21.92 -54.74
CA SER B 17 25.75 22.01 -55.99
C SER B 17 25.94 20.65 -56.62
N LEU B 18 25.93 19.58 -55.82
CA LEU B 18 25.94 18.25 -56.41
C LEU B 18 24.76 18.04 -57.36
N PHE B 19 23.65 18.73 -57.12
CA PHE B 19 22.46 18.62 -57.97
C PHE B 19 22.37 19.72 -59.02
N ASP B 20 23.40 20.55 -59.15
CA ASP B 20 23.39 21.64 -60.12
C ASP B 20 23.94 21.18 -61.46
N THR B 26 18.92 23.61 -61.55
CA THR B 26 19.64 23.64 -60.29
C THR B 26 19.03 22.67 -59.28
N ILE B 27 17.73 22.80 -59.02
CA ILE B 27 17.04 21.92 -58.08
C ILE B 27 15.58 21.81 -58.48
N THR B 28 15.01 20.64 -58.21
CA THR B 28 13.59 20.36 -58.37
C THR B 28 13.10 19.67 -57.10
N THR B 29 11.80 19.41 -57.02
CA THR B 29 11.26 18.70 -55.85
C THR B 29 11.97 17.37 -55.66
N LYS B 30 11.87 16.48 -56.67
CA LYS B 30 12.67 15.25 -56.68
C LYS B 30 14.10 15.53 -56.25
N GLU B 31 14.74 16.52 -56.90
CA GLU B 31 16.08 16.93 -56.48
C GLU B 31 16.13 17.38 -55.03
N LEU B 32 15.09 18.10 -54.57
CA LEU B 32 15.10 18.53 -53.17
C LEU B 32 15.21 17.34 -52.24
N GLY B 33 14.39 16.31 -52.48
CA GLY B 33 14.50 15.09 -51.70
C GLY B 33 15.87 14.46 -51.82
N THR B 34 16.43 14.46 -53.04
CA THR B 34 17.77 13.90 -53.23
C THR B 34 18.81 14.64 -52.38
N VAL B 35 18.71 15.97 -52.32
CA VAL B 35 19.69 16.76 -51.60
C VAL B 35 19.50 16.63 -50.10
N MET B 36 18.24 16.55 -49.64
CA MET B 36 17.98 16.35 -48.22
C MET B 36 18.50 15.00 -47.76
N ARG B 37 18.31 13.96 -48.56
CA ARG B 37 18.84 12.65 -48.19
C ARG B 37 20.35 12.62 -48.28
N SER B 38 20.93 13.32 -49.26
CA SER B 38 22.39 13.37 -49.37
C SER B 38 23.03 14.17 -48.26
N LEU B 39 22.26 14.96 -47.53
CA LEU B 39 22.73 15.66 -46.34
C LEU B 39 22.46 14.88 -45.06
N GLY B 40 22.04 13.62 -45.18
CA GLY B 40 21.72 12.79 -44.03
C GLY B 40 20.26 12.80 -43.63
N GLN B 41 19.49 13.79 -44.05
CA GLN B 41 18.08 13.86 -43.68
C GLN B 41 17.28 12.79 -44.42
N ASN B 42 15.97 12.80 -44.20
CA ASN B 42 15.06 11.87 -44.85
C ASN B 42 13.68 12.49 -44.88
N PRO B 43 13.43 13.40 -45.81
CA PRO B 43 12.15 14.10 -45.83
C PRO B 43 11.03 13.16 -46.25
N THR B 44 9.99 13.08 -45.42
CA THR B 44 8.75 12.46 -45.87
C THR B 44 8.19 13.24 -47.05
N GLU B 45 7.54 12.53 -47.97
CA GLU B 45 6.77 13.21 -49.00
C GLU B 45 5.90 14.33 -48.42
N ALA B 46 5.48 14.17 -47.16
CA ALA B 46 4.94 15.26 -46.36
C ALA B 46 5.72 16.56 -46.53
N GLU B 47 6.93 16.68 -45.96
CA GLU B 47 7.72 17.92 -46.05
C GLU B 47 7.93 18.35 -47.51
N LEU B 48 8.11 17.38 -48.42
CA LEU B 48 8.23 17.64 -49.85
C LEU B 48 7.09 18.51 -50.35
N GLN B 49 5.87 17.94 -50.38
CA GLN B 49 4.70 18.72 -50.79
C GLN B 49 4.45 19.93 -49.88
N ASP B 50 4.94 19.88 -48.62
CA ASP B 50 4.77 21.00 -47.70
C ASP B 50 5.39 22.25 -48.29
N MET B 51 6.66 22.17 -48.71
CA MET B 51 7.24 23.28 -49.45
C MET B 51 6.64 23.31 -50.86
N ILE B 52 6.21 22.15 -51.35
CA ILE B 52 5.65 22.06 -52.69
N THR B 62 11.13 26.32 -59.06
CA THR B 62 11.39 25.20 -58.17
C THR B 62 12.06 25.66 -56.88
N ILE B 63 13.39 25.53 -56.80
CA ILE B 63 14.11 25.90 -55.58
C ILE B 63 15.52 26.36 -55.90
N ASP B 64 15.85 27.58 -55.49
CA ASP B 64 17.20 28.13 -55.63
C ASP B 64 18.07 27.64 -54.48
N PHE B 65 19.27 28.21 -54.32
CA PHE B 65 20.09 27.84 -53.18
C PHE B 65 19.92 28.78 -52.00
N PRO B 66 19.80 30.11 -52.19
CA PRO B 66 19.45 30.97 -51.05
C PRO B 66 18.17 30.54 -50.35
N GLU B 67 17.11 30.22 -51.11
CA GLU B 67 15.87 29.77 -50.51
C GLU B 67 16.01 28.40 -49.85
N PHE B 68 16.84 27.51 -50.42
CA PHE B 68 17.14 26.24 -49.78
C PHE B 68 17.83 26.44 -48.44
N LEU B 69 18.80 27.38 -48.39
CA LEU B 69 19.46 27.70 -47.13
C LEU B 69 18.45 28.22 -46.12
N THR B 70 17.53 29.08 -46.56
CA THR B 70 16.50 29.60 -45.66
C THR B 70 15.64 28.49 -45.09
N MET B 71 15.17 27.57 -45.95
CA MET B 71 14.29 26.50 -45.48
C MET B 71 15.02 25.54 -44.55
N MET B 72 16.26 25.18 -44.88
CA MET B 72 17.05 24.33 -44.00
C MET B 72 17.31 24.99 -42.65
N ALA B 73 17.54 26.31 -42.65
CA ALA B 73 17.70 27.05 -41.40
C ALA B 73 16.43 26.99 -40.57
N ARG B 74 15.28 27.19 -41.22
CA ARG B 74 13.99 27.04 -40.53
C ARG B 74 13.93 25.69 -39.83
N LYS B 75 14.05 24.61 -40.62
CA LYS B 75 14.02 23.26 -40.06
C LYS B 75 14.94 23.14 -38.84
N MET B 76 16.23 23.43 -39.02
CA MET B 76 17.19 23.35 -37.93
C MET B 76 16.70 24.10 -36.69
N LYS B 77 16.12 25.29 -36.87
CA LYS B 77 15.63 26.07 -35.73
C LYS B 77 14.48 25.35 -35.03
N ASP B 78 13.52 24.82 -35.80
CA ASP B 78 12.37 24.14 -35.20
C ASP B 78 12.80 22.88 -34.45
N THR B 79 13.69 22.09 -35.05
CA THR B 79 14.18 20.89 -34.38
C THR B 79 14.99 21.22 -33.14
N ASP B 80 15.81 22.27 -33.22
CA ASP B 80 16.59 22.69 -32.05
C ASP B 80 15.68 23.15 -30.93
N SER B 81 14.61 23.88 -31.26
CA SER B 81 13.68 24.31 -30.22
C SER B 81 12.92 23.13 -29.62
N GLU B 82 12.51 22.17 -30.46
CA GLU B 82 11.90 20.95 -29.93
C GLU B 82 12.84 20.24 -28.96
N GLU B 83 14.11 20.09 -29.35
CA GLU B 83 15.08 19.44 -28.48
C GLU B 83 15.28 20.22 -27.19
N GLU B 84 15.34 21.55 -27.28
CA GLU B 84 15.55 22.38 -26.10
C GLU B 84 14.39 22.24 -25.12
N ILE B 85 13.16 22.22 -25.64
CA ILE B 85 12.00 22.10 -24.76
C ILE B 85 11.94 20.70 -24.15
N ARG B 86 12.34 19.67 -24.91
CA ARG B 86 12.34 18.32 -24.35
C ARG B 86 13.39 18.17 -23.24
N GLU B 87 14.57 18.77 -23.44
CA GLU B 87 15.57 18.80 -22.37
C GLU B 87 15.04 19.55 -21.15
N ALA B 88 14.42 20.71 -21.37
CA ALA B 88 13.81 21.45 -20.28
C ALA B 88 12.83 20.59 -19.50
N PHE B 89 12.00 19.82 -20.22
CA PHE B 89 11.05 18.94 -19.55
C PHE B 89 11.76 17.87 -18.73
N ARG B 90 12.81 17.27 -19.30
CA ARG B 90 13.60 16.30 -18.55
C ARG B 90 14.18 16.90 -17.28
N VAL B 91 14.38 18.22 -17.26
CA VAL B 91 14.89 18.87 -16.04
C VAL B 91 13.90 18.70 -14.88
N PHE B 92 12.60 18.71 -15.17
CA PHE B 92 11.60 18.70 -14.11
C PHE B 92 10.89 17.37 -13.92
N ASP B 93 10.70 16.59 -14.99
CA ASP B 93 10.06 15.28 -14.88
C ASP B 93 11.07 14.31 -14.29
N LYS B 94 11.24 14.40 -12.97
CA LYS B 94 12.36 13.73 -12.30
C LYS B 94 12.32 12.22 -12.46
N ASP B 95 11.14 11.65 -12.64
CA ASP B 95 11.00 10.19 -12.77
C ASP B 95 10.67 9.76 -14.18
N GLY B 96 10.62 10.69 -15.14
CA GLY B 96 10.40 10.35 -16.53
C GLY B 96 9.09 9.67 -16.83
N ASN B 97 8.08 9.83 -15.98
CA ASN B 97 6.77 9.24 -16.24
C ASN B 97 5.94 10.06 -17.20
N GLY B 98 6.46 11.17 -17.70
CA GLY B 98 5.73 12.02 -18.62
C GLY B 98 4.92 13.13 -17.98
N TYR B 99 5.06 13.33 -16.67
CA TYR B 99 4.27 14.34 -15.97
C TYR B 99 5.14 15.02 -14.92
N ILE B 100 5.05 16.34 -14.84
CA ILE B 100 5.70 17.11 -13.79
C ILE B 100 4.72 17.22 -12.63
N SER B 101 5.02 16.52 -11.55
CA SER B 101 4.20 16.66 -10.35
C SER B 101 4.66 17.89 -9.55
N ALA B 102 3.81 18.30 -8.60
CA ALA B 102 4.18 19.39 -7.71
C ALA B 102 5.40 19.04 -6.88
N ALA B 103 5.45 17.80 -6.37
CA ALA B 103 6.60 17.36 -5.60
C ALA B 103 7.89 17.45 -6.43
N GLU B 104 7.81 17.07 -7.71
CA GLU B 104 8.98 17.12 -8.58
C GLU B 104 9.46 18.55 -8.79
N LEU B 105 8.53 19.46 -9.11
CA LEU B 105 8.92 20.85 -9.34
C LEU B 105 9.47 21.49 -8.08
N ARG B 106 8.90 21.15 -6.92
CA ARG B 106 9.43 21.64 -5.65
C ARG B 106 10.84 21.15 -5.43
N HIS B 107 11.06 19.84 -5.62
CA HIS B 107 12.41 19.28 -5.48
C HIS B 107 13.40 19.96 -6.40
N VAL B 108 12.99 20.25 -7.64
CA VAL B 108 13.90 20.86 -8.60
C VAL B 108 14.21 22.30 -8.20
N MET B 109 13.16 23.08 -7.90
CA MET B 109 13.37 24.47 -7.48
C MET B 109 14.29 24.56 -6.27
N THR B 110 14.17 23.59 -5.34
CA THR B 110 15.08 23.56 -4.20
C THR B 110 16.50 23.21 -4.62
N ASN B 111 16.65 22.13 -5.40
CA ASN B 111 17.97 21.65 -5.80
C ASN B 111 18.69 22.63 -6.71
N LEU B 112 17.98 23.55 -7.35
CA LEU B 112 18.58 24.55 -8.21
C LEU B 112 18.66 25.92 -7.54
N GLY B 113 18.38 26.00 -6.25
CA GLY B 113 18.49 27.26 -5.53
C GLY B 113 17.57 28.35 -6.03
N GLU B 114 16.26 28.13 -5.98
CA GLU B 114 15.25 29.14 -6.26
C GLU B 114 14.44 29.38 -4.99
N LYS B 115 14.02 30.63 -4.79
CA LYS B 115 13.36 31.05 -3.56
C LYS B 115 11.84 30.98 -3.67
N LEU B 116 11.31 29.99 -4.38
CA LEU B 116 9.87 29.82 -4.51
C LEU B 116 9.33 29.00 -3.35
N THR B 117 8.22 29.47 -2.77
CA THR B 117 7.58 28.75 -1.68
C THR B 117 6.76 27.59 -2.22
N ASP B 118 6.18 26.79 -1.32
CA ASP B 118 5.41 25.63 -1.74
C ASP B 118 4.13 26.04 -2.46
N GLU B 119 3.43 27.05 -1.94
CA GLU B 119 2.25 27.56 -2.63
C GLU B 119 2.62 28.13 -3.98
N GLU B 120 3.80 28.74 -4.10
CA GLU B 120 4.27 29.23 -5.40
C GLU B 120 4.49 28.08 -6.37
N VAL B 121 5.02 26.95 -5.90
CA VAL B 121 5.21 25.81 -6.78
C VAL B 121 3.86 25.25 -7.22
N ASP B 122 2.92 25.15 -6.27
CA ASP B 122 1.57 24.73 -6.63
C ASP B 122 0.96 25.65 -7.67
N GLU B 123 1.24 26.95 -7.58
CA GLU B 123 0.69 27.89 -8.55
C GLU B 123 1.37 27.76 -9.91
N MET B 124 2.69 27.54 -9.91
CA MET B 124 3.40 27.26 -11.16
C MET B 124 2.79 26.07 -11.88
N ILE B 125 2.46 25.01 -11.12
CA ILE B 125 1.82 23.86 -11.74
C ILE B 125 0.42 24.20 -12.21
N ARG B 126 -0.38 24.84 -11.34
CA ARG B 126 -1.77 25.16 -11.69
C ARG B 126 -1.86 25.97 -12.97
N GLU B 127 -0.98 26.96 -13.14
CA GLU B 127 -0.99 27.79 -14.33
C GLU B 127 -0.93 26.96 -15.60
N ALA B 128 -0.01 25.99 -15.65
CA ALA B 128 0.18 25.17 -16.83
C ALA B 128 -0.72 23.95 -16.87
N ASP B 129 -1.48 23.68 -15.80
CA ASP B 129 -2.34 22.50 -15.73
C ASP B 129 -3.65 22.83 -16.43
N ILE B 130 -3.69 22.57 -17.73
CA ILE B 130 -4.88 22.86 -18.52
C ILE B 130 -5.97 21.83 -18.25
N ASP B 131 -5.60 20.55 -18.21
CA ASP B 131 -6.58 19.49 -17.99
C ASP B 131 -7.01 19.40 -16.53
N GLY B 132 -6.21 19.91 -15.60
CA GLY B 132 -6.60 19.97 -14.21
C GLY B 132 -6.28 18.76 -13.37
N ASP B 133 -5.32 17.93 -13.78
CA ASP B 133 -4.96 16.73 -13.03
C ASP B 133 -3.92 17.00 -11.95
N GLY B 134 -3.56 18.26 -11.71
CA GLY B 134 -2.54 18.59 -10.74
C GLY B 134 -1.12 18.37 -11.20
N GLN B 135 -0.91 18.02 -12.47
CA GLN B 135 0.41 17.80 -13.03
C GLN B 135 0.52 18.52 -14.36
N VAL B 136 1.74 18.58 -14.89
CA VAL B 136 2.04 19.28 -16.14
C VAL B 136 2.62 18.24 -17.10
N ASN B 137 1.82 17.81 -18.07
CA ASN B 137 2.32 16.92 -19.11
C ASN B 137 3.18 17.73 -20.09
N TYR B 138 3.73 17.04 -21.10
CA TYR B 138 4.65 17.71 -22.01
C TYR B 138 3.91 18.70 -22.92
N GLU B 139 2.70 18.37 -23.35
CA GLU B 139 1.94 19.30 -24.18
C GLU B 139 1.73 20.62 -23.46
N GLU B 140 1.32 20.56 -22.19
CA GLU B 140 1.12 21.78 -21.39
C GLU B 140 2.44 22.49 -21.15
N PHE B 141 3.53 21.73 -20.96
CA PHE B 141 4.84 22.35 -20.78
C PHE B 141 5.26 23.13 -22.02
N VAL B 142 5.07 22.54 -23.20
CA VAL B 142 5.39 23.22 -24.46
C VAL B 142 4.53 24.47 -24.62
N GLN B 143 3.23 24.34 -24.38
CA GLN B 143 2.34 25.51 -24.41
C GLN B 143 2.86 26.62 -23.52
N MET B 144 3.27 26.27 -22.31
CA MET B 144 3.82 27.27 -21.39
C MET B 144 5.10 27.88 -21.95
N MET B 145 5.92 27.08 -22.62
CA MET B 145 7.19 27.59 -23.14
C MET B 145 7.03 28.29 -24.48
N THR B 146 6.16 27.78 -25.35
CA THR B 146 5.92 28.39 -26.67
C THR B 146 4.74 29.36 -26.61
N ALA B 147 4.90 30.39 -25.79
CA ALA B 147 3.89 31.43 -25.64
C ALA B 147 4.49 32.65 -24.93
ZN ZN C . -3.06 10.31 11.53
CA CA D . 7.17 12.75 -13.22
CA CA E . -2.13 18.63 -16.54
#